data_6JQV
#
_entry.id   6JQV
#
_cell.length_a   123.450
_cell.length_b   123.450
_cell.length_c   228.710
_cell.angle_alpha   90.00
_cell.angle_beta   90.00
_cell.angle_gamma   120.00
#
_symmetry.space_group_name_H-M   'H 3 2'
#
_entity_poly.entity_id   1
_entity_poly.type   'polypeptide(L)'
_entity_poly.pdbx_seq_one_letter_code
;GPLGSENVEQIDAELVLSIEKLQEIQDDLEKINEKASDEVLEVEQKYNVIRKPVYDKRNEIIKTIPDFWLTAFLSHPALG
ELLTEEDQKIFKYLSSLDVEDAKDVKSGYSITFSFNPNPFFEDGKLTKTFTFLEEGTTKITATPIKWKEGKGLANGVNHE
KNGNKRALPEESFFTWFSDAQHKEDVEDEMQDEQVADIIKEDLWPNPLTYFNNDA
;
_entity_poly.pdbx_strand_id   A,B
#
# COMPACT_ATOMS: atom_id res chain seq x y z
N GLU A 14 25.20 30.45 15.94
CA GLU A 14 25.98 30.59 14.72
C GLU A 14 25.26 29.89 13.57
N LEU A 15 25.60 28.63 13.35
CA LEU A 15 24.89 27.78 12.40
C LEU A 15 23.79 27.04 13.13
N VAL A 16 22.58 27.07 12.57
CA VAL A 16 21.41 26.52 13.25
C VAL A 16 21.49 25.00 13.20
N LEU A 17 21.65 24.38 14.36
CA LEU A 17 21.50 22.93 14.50
C LEU A 17 20.04 22.54 14.73
N SER A 18 19.12 23.49 14.56
CA SER A 18 17.70 23.19 14.66
C SER A 18 17.27 22.10 13.69
N ILE A 19 18.06 21.86 12.63
CA ILE A 19 17.84 20.70 11.78
C ILE A 19 17.98 19.41 12.59
N GLU A 20 18.93 19.38 13.53
CA GLU A 20 19.07 18.20 14.38
C GLU A 20 17.89 18.08 15.35
N LYS A 21 17.39 19.20 15.85
CA LYS A 21 16.19 19.17 16.68
C LYS A 21 15.00 18.64 15.89
N LEU A 22 14.93 18.98 14.61
CA LEU A 22 13.86 18.46 13.75
C LEU A 22 14.07 16.98 13.47
N GLN A 23 15.32 16.53 13.34
CA GLN A 23 15.60 15.11 13.24
C GLN A 23 15.11 14.37 14.47
N GLU A 24 15.25 15.00 15.65
CA GLU A 24 14.72 14.42 16.87
C GLU A 24 13.20 14.28 16.82
N ILE A 25 12.52 15.30 16.31
CA ILE A 25 11.06 15.25 16.18
C ILE A 25 10.65 14.15 15.21
N GLN A 26 11.40 14.00 14.11
CA GLN A 26 11.07 12.96 13.13
C GLN A 26 11.27 11.57 13.72
N ASP A 27 12.37 11.37 14.45
CA ASP A 27 12.59 10.09 15.12
C ASP A 27 11.51 9.83 16.17
N ASP A 28 11.02 10.90 16.82
CA ASP A 28 9.94 10.74 17.79
C ASP A 28 8.65 10.29 17.11
N LEU A 29 8.31 10.90 15.98
CA LEU A 29 7.13 10.48 15.24
C LEU A 29 7.30 9.07 14.68
N GLU A 30 8.54 8.65 14.44
CA GLU A 30 8.78 7.28 14.01
C GLU A 30 8.29 6.26 15.03
N LYS A 31 8.34 6.60 16.32
CA LYS A 31 7.86 5.68 17.36
C LYS A 31 6.34 5.51 17.27
N ILE A 32 5.62 6.61 17.09
CA ILE A 32 4.17 6.54 16.93
C ILE A 32 3.81 5.75 15.67
N ASN A 33 4.58 5.96 14.60
CA ASN A 33 4.35 5.20 13.37
C ASN A 33 4.58 3.71 13.60
N GLU A 34 5.62 3.36 14.36
CA GLU A 34 5.89 1.96 14.64
C GLU A 34 4.78 1.33 15.46
N LYS A 35 4.25 2.06 16.45
CA LYS A 35 3.17 1.52 17.27
C LYS A 35 1.90 1.35 16.45
N ALA A 36 1.59 2.31 15.58
CA ALA A 36 0.41 2.17 14.71
C ALA A 36 0.58 0.99 13.77
N SER A 37 1.80 0.79 13.25
CA SER A 37 2.09 -0.38 12.43
C SER A 37 1.88 -1.67 13.21
N ASP A 38 2.30 -1.68 14.49
CA ASP A 38 2.12 -2.87 15.31
C ASP A 38 0.64 -3.20 15.49
N GLU A 39 -0.19 -2.17 15.70
CA GLU A 39 -1.62 -2.43 15.88
C GLU A 39 -2.27 -2.88 14.57
N VAL A 40 -1.85 -2.31 13.43
CA VAL A 40 -2.33 -2.79 12.14
C VAL A 40 -1.95 -4.26 11.95
N LEU A 41 -0.73 -4.61 12.33
CA LEU A 41 -0.28 -6.00 12.23
C LEU A 41 -1.12 -6.91 13.13
N GLU A 42 -1.49 -6.43 14.32
CA GLU A 42 -2.35 -7.21 15.19
C GLU A 42 -3.71 -7.47 14.55
N VAL A 43 -4.29 -6.43 13.93
CA VAL A 43 -5.56 -6.60 13.22
C VAL A 43 -5.42 -7.68 12.14
N GLU A 44 -4.38 -7.58 11.32
CA GLU A 44 -4.20 -8.55 10.24
C GLU A 44 -3.93 -9.94 10.77
N GLN A 45 -3.22 -10.05 11.90
CA GLN A 45 -3.00 -11.35 12.54
C GLN A 45 -4.33 -12.00 12.91
N LYS A 46 -5.19 -11.24 13.60
CA LYS A 46 -6.48 -11.78 13.99
C LYS A 46 -7.30 -12.19 12.77
N TYR A 47 -7.27 -11.37 11.72
CA TYR A 47 -8.14 -11.67 10.59
C TYR A 47 -7.61 -12.77 9.69
N ASN A 48 -6.30 -13.04 9.68
CA ASN A 48 -5.82 -14.21 8.95
C ASN A 48 -6.25 -15.49 9.66
N VAL A 49 -6.27 -15.48 10.99
CA VAL A 49 -6.82 -16.61 11.74
C VAL A 49 -8.29 -16.77 11.44
N ILE A 50 -9.02 -15.66 11.33
CA ILE A 50 -10.44 -15.74 10.97
C ILE A 50 -10.63 -16.26 9.55
N ARG A 51 -9.70 -15.94 8.63
CA ARG A 51 -9.84 -16.31 7.23
C ARG A 51 -9.36 -17.73 6.91
N LYS A 52 -8.53 -18.33 7.76
CA LYS A 52 -8.06 -19.68 7.47
C LYS A 52 -9.19 -20.68 7.25
N PRO A 53 -10.25 -20.72 8.08
CA PRO A 53 -11.33 -21.69 7.81
C PRO A 53 -12.05 -21.48 6.50
N VAL A 54 -12.31 -20.23 6.11
CA VAL A 54 -13.09 -20.00 4.89
C VAL A 54 -12.25 -20.31 3.65
N TYR A 55 -10.95 -20.04 3.69
CA TYR A 55 -10.09 -20.48 2.58
C TYR A 55 -9.99 -22.00 2.53
N ASP A 56 -9.86 -22.64 3.69
CA ASP A 56 -9.80 -24.10 3.72
C ASP A 56 -11.07 -24.72 3.17
N LYS A 57 -12.22 -24.06 3.40
CA LYS A 57 -13.48 -24.54 2.85
C LYS A 57 -13.62 -24.24 1.37
N ARG A 58 -13.10 -23.09 0.93
CA ARG A 58 -13.14 -22.73 -0.48
C ARG A 58 -12.31 -23.68 -1.33
N ASN A 59 -11.19 -24.18 -0.80
CA ASN A 59 -10.42 -25.16 -1.54
C ASN A 59 -11.21 -26.45 -1.78
N GLU A 60 -12.12 -26.80 -0.85
CA GLU A 60 -12.99 -27.94 -1.07
C GLU A 60 -13.90 -27.71 -2.27
N ILE A 61 -14.44 -26.50 -2.41
CA ILE A 61 -15.25 -26.17 -3.58
C ILE A 61 -14.39 -26.21 -4.83
N ILE A 62 -13.16 -25.71 -4.73
CA ILE A 62 -12.26 -25.65 -5.88
C ILE A 62 -11.97 -27.07 -6.40
N LYS A 63 -11.81 -28.02 -5.48
CA LYS A 63 -11.51 -29.40 -5.88
C LYS A 63 -12.59 -29.95 -6.81
N THR A 64 -13.85 -29.55 -6.62
CA THR A 64 -14.92 -30.02 -7.50
C THR A 64 -14.73 -29.53 -8.93
N ILE A 65 -14.24 -28.31 -9.09
CA ILE A 65 -14.04 -27.72 -10.41
C ILE A 65 -12.73 -28.25 -11.00
N PRO A 66 -12.78 -29.02 -12.07
CA PRO A 66 -11.53 -29.54 -12.67
C PRO A 66 -10.72 -28.42 -13.30
N ASP A 67 -9.41 -28.53 -13.18
CA ASP A 67 -8.43 -27.55 -13.66
C ASP A 67 -8.87 -26.10 -13.45
N PHE A 68 -9.38 -25.80 -12.24
CA PHE A 68 -9.76 -24.43 -11.92
C PHE A 68 -8.54 -23.52 -11.87
N TRP A 69 -7.49 -23.96 -11.17
CA TRP A 69 -6.33 -23.09 -10.98
C TRP A 69 -5.57 -22.87 -12.28
N LEU A 70 -5.52 -23.87 -13.15
CA LEU A 70 -4.89 -23.68 -14.45
C LEU A 70 -5.63 -22.63 -15.26
N THR A 71 -6.97 -22.69 -15.26
CA THR A 71 -7.75 -21.68 -15.97
C THR A 71 -7.53 -20.29 -15.37
N ALA A 72 -7.50 -20.21 -14.04
CA ALA A 72 -7.31 -18.91 -13.40
C ALA A 72 -5.94 -18.33 -13.73
N PHE A 73 -4.90 -19.16 -13.71
CA PHE A 73 -3.55 -18.67 -14.00
C PHE A 73 -3.41 -18.27 -15.46
N LEU A 74 -3.87 -19.13 -16.38
CA LEU A 74 -3.78 -18.81 -17.80
C LEU A 74 -4.59 -17.56 -18.14
N SER A 75 -5.72 -17.35 -17.46
CA SER A 75 -6.52 -16.16 -17.70
C SER A 75 -5.83 -14.91 -17.14
N HIS A 76 -5.09 -15.04 -16.06
CA HIS A 76 -4.32 -13.92 -15.55
C HIS A 76 -3.28 -13.49 -16.58
N PRO A 77 -3.18 -12.21 -16.90
CA PRO A 77 -2.23 -11.80 -17.95
C PRO A 77 -0.77 -12.07 -17.61
N ALA A 78 -0.31 -11.58 -16.45
CA ALA A 78 1.11 -11.67 -16.11
C ALA A 78 1.56 -13.13 -16.00
N LEU A 79 0.93 -13.89 -15.11
CA LEU A 79 1.31 -15.30 -14.97
C LEU A 79 0.93 -16.11 -16.19
N GLY A 80 -0.09 -15.68 -16.94
CA GLY A 80 -0.43 -16.35 -18.19
C GLY A 80 0.67 -16.23 -19.22
N GLU A 81 1.44 -15.14 -19.18
CA GLU A 81 2.64 -15.06 -20.02
C GLU A 81 3.63 -16.15 -19.65
N LEU A 82 3.73 -16.48 -18.37
CA LEU A 82 4.63 -17.52 -17.87
C LEU A 82 4.08 -18.93 -18.05
N LEU A 83 3.07 -19.11 -18.91
CA LEU A 83 2.41 -20.38 -19.11
C LEU A 83 3.39 -21.54 -19.30
N THR A 84 4.27 -21.43 -20.30
CA THR A 84 5.19 -22.50 -20.65
C THR A 84 4.43 -23.79 -20.92
N GLU A 85 3.70 -23.77 -22.04
CA GLU A 85 2.58 -24.67 -22.34
C GLU A 85 2.76 -26.10 -21.83
N GLU A 86 3.98 -26.64 -21.90
CA GLU A 86 4.25 -27.92 -21.28
C GLU A 86 4.08 -27.84 -19.77
N ASP A 87 4.66 -26.80 -19.15
CA ASP A 87 4.43 -26.57 -17.73
C ASP A 87 2.96 -26.25 -17.45
N GLN A 88 2.23 -25.76 -18.45
CA GLN A 88 0.79 -25.55 -18.27
C GLN A 88 0.04 -26.87 -18.20
N LYS A 89 0.39 -27.82 -19.08
CA LYS A 89 -0.20 -29.15 -19.00
C LYS A 89 0.18 -29.84 -17.70
N ILE A 90 1.39 -29.55 -17.19
CA ILE A 90 1.78 -30.09 -15.89
C ILE A 90 0.99 -29.43 -14.76
N PHE A 91 0.76 -28.12 -14.86
CA PHE A 91 0.06 -27.38 -13.82
C PHE A 91 -1.42 -27.72 -13.78
N LYS A 92 -1.96 -28.20 -14.90
CA LYS A 92 -3.31 -28.77 -14.89
C LYS A 92 -3.45 -29.84 -13.83
N TYR A 93 -2.36 -30.55 -13.52
CA TYR A 93 -2.40 -31.65 -12.58
C TYR A 93 -2.55 -31.19 -11.13
N LEU A 94 -2.16 -29.95 -10.80
CA LEU A 94 -2.07 -29.55 -9.40
C LEU A 94 -3.40 -29.74 -8.69
N SER A 95 -3.34 -30.43 -7.55
CA SER A 95 -4.56 -30.72 -6.79
C SER A 95 -5.14 -29.45 -6.18
N SER A 96 -4.30 -28.67 -5.50
CA SER A 96 -4.78 -27.48 -4.81
C SER A 96 -3.64 -26.48 -4.66
N LEU A 97 -4.00 -25.28 -4.21
CA LEU A 97 -3.04 -24.21 -3.96
C LEU A 97 -3.34 -23.59 -2.61
N ASP A 98 -2.32 -23.40 -1.80
CA ASP A 98 -2.47 -22.83 -0.46
C ASP A 98 -1.46 -21.71 -0.26
N VAL A 99 -1.86 -20.67 0.46
CA VAL A 99 -1.00 -19.53 0.77
C VAL A 99 -1.08 -19.30 2.27
N GLU A 100 0.02 -19.49 2.97
CA GLU A 100 0.06 -19.38 4.43
C GLU A 100 0.90 -18.17 4.83
N ASP A 101 0.34 -17.34 5.70
CA ASP A 101 1.07 -16.21 6.27
C ASP A 101 1.64 -16.61 7.62
N ALA A 102 2.77 -16.01 7.97
CA ALA A 102 3.40 -16.30 9.25
C ALA A 102 2.47 -15.91 10.39
N LYS A 103 2.68 -16.55 11.54
CA LYS A 103 1.87 -16.25 12.72
C LYS A 103 1.98 -14.77 13.04
N ASP A 104 3.20 -14.27 13.17
CA ASP A 104 3.44 -12.83 13.10
C ASP A 104 3.53 -12.42 11.64
N VAL A 105 2.52 -11.65 11.17
CA VAL A 105 2.31 -11.48 9.74
C VAL A 105 3.50 -10.81 9.08
N LYS A 106 4.41 -10.21 9.87
CA LYS A 106 5.54 -9.50 9.28
C LYS A 106 6.70 -10.39 8.84
N SER A 107 6.84 -11.59 9.45
CA SER A 107 8.03 -12.40 9.23
C SER A 107 8.14 -12.89 7.79
N GLY A 108 7.07 -13.45 7.25
CA GLY A 108 7.12 -14.02 5.92
C GLY A 108 5.86 -14.78 5.56
N TYR A 109 5.97 -15.54 4.48
CA TYR A 109 4.82 -16.33 4.02
C TYR A 109 5.29 -17.38 3.02
N SER A 110 4.45 -18.40 2.84
CA SER A 110 4.76 -19.51 1.95
C SER A 110 3.60 -19.77 0.99
N ILE A 111 3.95 -20.21 -0.21
CA ILE A 111 2.99 -20.57 -1.25
C ILE A 111 3.25 -22.01 -1.65
N THR A 112 2.23 -22.87 -1.50
CA THR A 112 2.37 -24.31 -1.69
C THR A 112 1.41 -24.80 -2.75
N PHE A 113 1.95 -25.36 -3.83
CA PHE A 113 1.18 -26.04 -4.86
C PHE A 113 1.19 -27.53 -4.54
N SER A 114 0.00 -28.10 -4.32
CA SER A 114 -0.14 -29.53 -4.06
C SER A 114 -0.60 -30.21 -5.33
N PHE A 115 0.17 -31.20 -5.78
CA PHE A 115 -0.12 -31.96 -7.00
C PHE A 115 -0.49 -33.38 -6.61
N ASN A 116 -1.68 -33.83 -7.01
CA ASN A 116 -1.99 -35.25 -6.98
C ASN A 116 -1.03 -35.96 -7.92
N PRO A 117 -0.84 -37.30 -7.76
CA PRO A 117 0.21 -38.00 -8.53
C PRO A 117 0.26 -37.63 -10.00
N ASN A 118 1.37 -37.01 -10.41
CA ASN A 118 1.51 -36.41 -11.72
C ASN A 118 2.88 -36.73 -12.31
N PRO A 119 2.94 -37.06 -13.60
CA PRO A 119 4.24 -37.17 -14.28
C PRO A 119 4.92 -35.81 -14.37
N PHE A 120 6.18 -35.84 -14.81
CA PHE A 120 7.02 -34.67 -15.03
C PHE A 120 7.47 -34.05 -13.71
N PHE A 121 6.99 -34.58 -12.60
CA PHE A 121 7.39 -34.13 -11.26
C PHE A 121 7.28 -35.30 -10.30
N GLU A 122 8.38 -35.65 -9.64
CA GLU A 122 8.38 -36.74 -8.68
C GLU A 122 7.99 -36.30 -7.27
N ASP A 123 7.78 -35.00 -7.06
CA ASP A 123 7.43 -34.47 -5.75
C ASP A 123 5.95 -34.15 -5.70
N GLY A 124 5.29 -34.50 -4.60
CA GLY A 124 3.85 -34.28 -4.48
C GLY A 124 3.50 -32.81 -4.30
N LYS A 125 4.21 -32.13 -3.39
CA LYS A 125 3.93 -30.74 -3.07
C LYS A 125 5.19 -29.90 -3.22
N LEU A 126 5.03 -28.71 -3.79
CA LEU A 126 6.14 -27.78 -4.00
C LEU A 126 5.77 -26.43 -3.40
N THR A 127 6.60 -25.92 -2.49
CA THR A 127 6.31 -24.66 -1.82
C THR A 127 7.52 -23.74 -1.87
N LYS A 128 7.23 -22.44 -1.96
CA LYS A 128 8.25 -21.39 -1.89
C LYS A 128 7.98 -20.55 -0.66
N THR A 129 8.99 -20.38 0.18
CA THR A 129 8.89 -19.63 1.41
C THR A 129 9.72 -18.35 1.32
N PHE A 130 9.15 -17.26 1.84
CA PHE A 130 9.80 -15.96 1.86
C PHE A 130 9.91 -15.54 3.32
N THR A 131 11.14 -15.23 3.76
CA THR A 131 11.41 -14.73 5.10
C THR A 131 11.92 -13.30 4.99
N PHE A 132 11.31 -12.39 5.74
CA PHE A 132 11.62 -10.97 5.67
C PHE A 132 12.62 -10.61 6.77
N LEU A 133 13.77 -10.08 6.36
CA LEU A 133 14.75 -9.56 7.31
C LEU A 133 14.36 -8.15 7.72
N GLU A 134 14.81 -7.76 8.93
CA GLU A 134 14.39 -6.47 9.48
C GLU A 134 14.92 -5.31 8.66
N GLU A 135 16.01 -5.50 7.92
CA GLU A 135 16.55 -4.43 7.10
C GLU A 135 15.66 -4.13 5.90
N GLY A 136 14.94 -5.13 5.40
CA GLY A 136 14.07 -4.94 4.25
C GLY A 136 14.26 -6.01 3.19
N THR A 137 15.47 -6.54 3.08
CA THR A 137 15.73 -7.61 2.12
C THR A 137 15.02 -8.89 2.55
N THR A 138 14.77 -9.76 1.57
CA THR A 138 14.04 -10.99 1.80
C THR A 138 14.88 -12.19 1.35
N LYS A 139 14.58 -13.34 1.95
CA LYS A 139 15.21 -14.60 1.60
C LYS A 139 14.14 -15.51 1.01
N ILE A 140 14.36 -15.98 -0.22
CA ILE A 140 13.42 -16.83 -0.93
C ILE A 140 14.03 -18.21 -1.05
N THR A 141 13.41 -19.20 -0.41
CA THR A 141 13.88 -20.58 -0.46
C THR A 141 12.72 -21.51 -0.80
N ALA A 142 12.95 -22.44 -1.73
CA ALA A 142 11.88 -23.29 -2.22
C ALA A 142 12.27 -24.76 -2.10
N THR A 143 11.26 -25.63 -2.20
CA THR A 143 11.51 -27.06 -2.13
C THR A 143 12.29 -27.53 -3.36
N PRO A 144 13.24 -28.44 -3.19
CA PRO A 144 13.99 -28.94 -4.34
C PRO A 144 13.09 -29.77 -5.25
N ILE A 145 13.40 -29.71 -6.56
CA ILE A 145 12.61 -30.41 -7.56
C ILE A 145 13.26 -31.75 -7.86
N LYS A 146 12.44 -32.78 -8.03
CA LYS A 146 12.89 -34.13 -8.35
C LYS A 146 12.50 -34.53 -9.77
N TRP A 147 12.59 -33.58 -10.69
CA TRP A 147 12.23 -33.83 -12.09
C TRP A 147 13.12 -34.89 -12.73
N PHE A 173 10.58 -22.38 -17.75
CA PHE A 173 9.15 -22.61 -17.58
C PHE A 173 8.76 -22.40 -16.12
N PHE A 174 8.38 -23.47 -15.44
CA PHE A 174 8.05 -23.40 -14.02
C PHE A 174 9.29 -23.63 -13.16
N THR A 175 10.35 -22.88 -13.46
CA THR A 175 11.59 -22.92 -12.70
C THR A 175 11.61 -21.89 -11.58
N TRP A 176 10.44 -21.37 -11.19
CA TRP A 176 10.35 -20.40 -10.10
C TRP A 176 10.81 -20.98 -8.77
N PHE A 177 11.03 -22.30 -8.70
CA PHE A 177 11.43 -22.99 -7.48
C PHE A 177 12.88 -23.43 -7.65
N SER A 178 13.81 -22.55 -7.31
CA SER A 178 15.23 -22.82 -7.38
C SER A 178 16.04 -21.83 -6.56
N MET A 190 14.01 -15.80 -8.42
CA MET A 190 15.17 -15.00 -8.06
C MET A 190 14.98 -13.53 -8.39
N GLN A 191 14.16 -13.24 -9.41
CA GLN A 191 14.02 -11.87 -9.89
C GLN A 191 13.48 -10.95 -8.80
N ASP A 192 12.33 -11.30 -8.23
CA ASP A 192 11.73 -10.51 -7.17
C ASP A 192 10.61 -11.35 -6.54
N GLU A 193 9.97 -10.78 -5.52
CA GLU A 193 8.79 -11.43 -4.96
C GLU A 193 7.63 -11.47 -5.93
N GLN A 194 7.76 -10.79 -7.08
CA GLN A 194 6.64 -10.49 -7.98
C GLN A 194 5.64 -11.63 -8.11
N VAL A 195 6.10 -12.77 -8.63
CA VAL A 195 5.21 -13.94 -8.74
C VAL A 195 4.65 -14.29 -7.36
N ALA A 196 5.53 -14.66 -6.44
CA ALA A 196 5.10 -14.92 -5.06
C ALA A 196 4.33 -13.75 -4.48
N ASP A 197 4.55 -12.54 -5.00
CA ASP A 197 3.75 -11.40 -4.58
C ASP A 197 2.37 -11.43 -5.22
N ILE A 198 2.31 -11.52 -6.56
CA ILE A 198 1.05 -11.30 -7.25
C ILE A 198 0.01 -12.32 -6.80
N ILE A 199 0.37 -13.60 -6.81
CA ILE A 199 -0.53 -14.65 -6.37
C ILE A 199 -1.10 -14.34 -4.99
N LYS A 200 -0.26 -13.82 -4.09
CA LYS A 200 -0.72 -13.50 -2.75
C LYS A 200 -1.70 -12.33 -2.77
N GLU A 201 -1.39 -11.28 -3.50
CA GLU A 201 -2.23 -10.07 -3.45
C GLU A 201 -3.34 -10.12 -4.48
N ASP A 202 -3.04 -10.56 -5.70
CA ASP A 202 -3.97 -10.45 -6.82
C ASP A 202 -4.87 -11.68 -6.96
N LEU A 203 -4.29 -12.87 -6.98
CA LEU A 203 -5.04 -14.07 -7.33
C LEU A 203 -5.58 -14.84 -6.14
N TRP A 204 -4.82 -14.95 -5.04
CA TRP A 204 -5.27 -15.75 -3.91
C TRP A 204 -6.58 -15.27 -3.30
N PRO A 205 -6.77 -13.98 -3.01
CA PRO A 205 -8.05 -13.58 -2.38
C PRO A 205 -9.27 -13.87 -3.24
N ASN A 206 -9.25 -13.47 -4.51
CA ASN A 206 -10.37 -13.66 -5.43
C ASN A 206 -9.85 -14.20 -6.75
N PRO A 207 -9.61 -15.51 -6.84
CA PRO A 207 -9.29 -16.11 -8.14
C PRO A 207 -10.48 -16.11 -9.09
N LEU A 208 -11.69 -15.98 -8.54
CA LEU A 208 -12.90 -16.04 -9.36
C LEU A 208 -12.97 -14.87 -10.33
N THR A 209 -12.44 -13.71 -9.96
CA THR A 209 -12.42 -12.57 -10.88
C THR A 209 -11.71 -12.94 -12.17
N TYR A 210 -10.59 -13.67 -12.07
CA TYR A 210 -9.83 -14.06 -13.24
C TYR A 210 -10.34 -15.34 -13.87
N PHE A 211 -11.07 -16.18 -13.12
CA PHE A 211 -11.57 -17.43 -13.69
C PHE A 211 -12.54 -17.16 -14.84
N ASN A 212 -13.60 -16.40 -14.57
CA ASN A 212 -14.62 -16.11 -15.58
C ASN A 212 -14.19 -14.87 -16.35
N ASN A 213 -13.41 -15.08 -17.41
CA ASN A 213 -12.97 -13.99 -18.28
C ASN A 213 -12.84 -14.47 -19.72
N ASP B 12 -21.65 -28.47 -17.06
CA ASP B 12 -22.23 -27.14 -16.92
C ASP B 12 -23.39 -27.15 -15.91
N ALA B 13 -24.21 -28.19 -15.97
CA ALA B 13 -25.34 -28.32 -15.06
C ALA B 13 -24.89 -28.25 -13.61
N GLU B 14 -23.83 -28.98 -13.28
CA GLU B 14 -23.30 -29.00 -11.92
C GLU B 14 -22.16 -28.00 -11.75
N LEU B 15 -21.27 -27.96 -12.73
CA LEU B 15 -20.13 -27.05 -12.68
C LEU B 15 -20.54 -25.65 -12.24
N VAL B 16 -21.84 -25.36 -12.35
CA VAL B 16 -22.37 -24.05 -11.96
C VAL B 16 -22.51 -23.94 -10.45
N LEU B 17 -23.49 -24.65 -9.90
CA LEU B 17 -23.74 -24.62 -8.46
C LEU B 17 -22.43 -24.43 -7.70
N SER B 18 -21.43 -25.27 -8.00
CA SER B 18 -20.11 -25.12 -7.40
C SER B 18 -19.64 -23.67 -7.51
N ILE B 19 -19.58 -23.16 -8.75
CA ILE B 19 -19.13 -21.79 -8.96
C ILE B 19 -19.92 -20.84 -8.08
N GLU B 20 -21.26 -20.96 -8.10
CA GLU B 20 -22.08 -20.05 -7.33
C GLU B 20 -21.75 -20.14 -5.86
N LYS B 21 -21.59 -21.36 -5.34
CA LYS B 21 -21.19 -21.53 -3.94
C LYS B 21 -19.92 -20.76 -3.67
N LEU B 22 -18.92 -20.93 -4.53
CA LEU B 22 -17.66 -20.19 -4.36
C LEU B 22 -17.90 -18.70 -4.32
N GLN B 23 -18.77 -18.20 -5.22
CA GLN B 23 -19.12 -16.78 -5.20
C GLN B 23 -19.59 -16.37 -3.81
N GLU B 24 -20.53 -17.15 -3.25
CA GLU B 24 -20.98 -16.88 -1.88
C GLU B 24 -19.78 -16.82 -0.94
N ILE B 25 -18.93 -17.84 -0.98
CA ILE B 25 -17.72 -17.85 -0.17
C ILE B 25 -16.93 -16.57 -0.38
N GLN B 26 -16.71 -16.20 -1.64
CA GLN B 26 -15.96 -14.99 -1.93
C GLN B 26 -16.64 -13.78 -1.31
N ASP B 27 -17.96 -13.68 -1.46
CA ASP B 27 -18.70 -12.58 -0.84
C ASP B 27 -18.39 -12.52 0.65
N ASP B 28 -18.41 -13.68 1.32
CA ASP B 28 -18.09 -13.70 2.74
C ASP B 28 -16.76 -13.03 3.01
N LEU B 29 -15.72 -13.42 2.27
CA LEU B 29 -14.41 -12.80 2.43
C LEU B 29 -14.53 -11.29 2.35
N GLU B 30 -15.20 -10.79 1.31
CA GLU B 30 -15.42 -9.36 1.18
C GLU B 30 -15.94 -8.77 2.48
N LYS B 31 -17.06 -9.32 2.97
CA LYS B 31 -17.63 -8.85 4.22
C LYS B 31 -16.57 -8.85 5.32
N ILE B 32 -15.91 -9.99 5.52
CA ILE B 32 -14.87 -10.08 6.53
C ILE B 32 -13.84 -8.99 6.32
N ASN B 33 -13.32 -8.89 5.08
CA ASN B 33 -12.33 -7.86 4.79
C ASN B 33 -12.86 -6.48 5.15
N GLU B 34 -14.10 -6.19 4.77
CA GLU B 34 -14.71 -4.91 5.15
C GLU B 34 -14.54 -4.67 6.63
N LYS B 35 -14.99 -5.63 7.45
CA LYS B 35 -14.85 -5.50 8.89
C LYS B 35 -13.41 -5.21 9.26
N ALA B 36 -12.48 -6.03 8.76
CA ALA B 36 -11.06 -5.82 9.06
C ALA B 36 -10.65 -4.40 8.68
N SER B 37 -11.00 -3.99 7.45
CA SER B 37 -10.62 -2.67 6.98
C SER B 37 -11.09 -1.60 7.97
N ASP B 38 -12.32 -1.74 8.45
CA ASP B 38 -12.86 -0.77 9.41
C ASP B 38 -11.90 -0.59 10.57
N GLU B 39 -11.51 -1.70 11.22
CA GLU B 39 -10.61 -1.60 12.36
C GLU B 39 -9.33 -0.87 11.97
N VAL B 40 -8.75 -1.21 10.82
CA VAL B 40 -7.54 -0.54 10.37
C VAL B 40 -7.77 0.96 10.33
N LEU B 41 -8.86 1.38 9.67
CA LEU B 41 -9.17 2.80 9.59
C LEU B 41 -9.24 3.43 10.97
N GLU B 42 -9.88 2.74 11.92
CA GLU B 42 -9.98 3.26 13.27
C GLU B 42 -8.60 3.54 13.86
N VAL B 43 -7.69 2.58 13.69
CA VAL B 43 -6.33 2.77 14.19
C VAL B 43 -5.74 4.05 13.62
N GLU B 44 -5.91 4.26 12.31
CA GLU B 44 -5.46 5.51 11.70
C GLU B 44 -6.01 6.70 12.47
N GLN B 45 -7.35 6.75 12.61
CA GLN B 45 -7.97 7.77 13.44
C GLN B 45 -7.27 7.87 14.79
N LYS B 46 -7.19 6.73 15.48
CA LYS B 46 -6.63 6.70 16.84
C LYS B 46 -5.28 7.38 16.88
N TYR B 47 -4.46 7.20 15.86
CA TYR B 47 -3.11 7.72 15.92
C TYR B 47 -2.97 9.10 15.29
N ASN B 48 -3.90 9.50 14.42
CA ASN B 48 -3.83 10.85 13.88
C ASN B 48 -3.91 11.87 15.01
N VAL B 49 -4.83 11.67 15.95
CA VAL B 49 -4.88 12.50 17.15
C VAL B 49 -3.53 12.49 17.85
N ILE B 50 -2.95 11.29 18.03
CA ILE B 50 -1.65 11.19 18.68
C ILE B 50 -0.60 11.98 17.93
N ARG B 51 -0.72 12.06 16.60
CA ARG B 51 0.26 12.78 15.80
C ARG B 51 -0.02 14.29 15.75
N LYS B 52 -1.21 14.72 16.16
CA LYS B 52 -1.56 16.13 16.03
C LYS B 52 -0.60 17.05 16.78
N PRO B 53 -0.25 16.79 18.05
CA PRO B 53 0.69 17.72 18.72
C PRO B 53 2.05 17.76 18.07
N VAL B 54 2.69 16.61 17.85
CA VAL B 54 4.04 16.57 17.32
C VAL B 54 4.13 17.37 16.03
N TYR B 55 3.27 17.04 15.05
CA TYR B 55 3.20 17.82 13.81
C TYR B 55 3.10 19.31 14.11
N ASP B 56 2.13 19.70 14.94
CA ASP B 56 2.04 21.08 15.38
C ASP B 56 3.34 21.54 16.00
N LYS B 57 3.84 20.79 16.99
CA LYS B 57 5.14 21.11 17.58
C LYS B 57 6.22 21.17 16.50
N ARG B 58 6.17 20.24 15.54
CA ARG B 58 7.14 20.24 14.46
C ARG B 58 7.16 21.59 13.75
N ASN B 59 5.97 22.15 13.48
CA ASN B 59 5.90 23.43 12.79
C ASN B 59 6.71 24.50 13.51
N GLU B 60 6.73 24.45 14.85
CA GLU B 60 7.55 25.40 15.61
C GLU B 60 8.98 25.41 15.08
N ILE B 61 9.62 24.23 15.04
CA ILE B 61 10.97 24.14 14.54
C ILE B 61 11.05 24.67 13.11
N ILE B 62 10.02 24.38 12.30
CA ILE B 62 10.05 24.80 10.91
C ILE B 62 10.06 26.32 10.80
N LYS B 63 9.43 27.00 11.76
CA LYS B 63 9.44 28.46 11.72
C LYS B 63 10.84 29.02 11.91
N THR B 64 11.70 28.29 12.62
CA THR B 64 13.07 28.77 12.84
C THR B 64 13.93 28.61 11.60
N ILE B 65 13.75 27.53 10.86
CA ILE B 65 14.55 27.32 9.65
C ILE B 65 14.12 28.31 8.58
N PRO B 66 15.04 29.05 7.95
CA PRO B 66 14.64 29.96 6.88
C PRO B 66 14.49 29.21 5.56
N ASP B 67 13.37 29.48 4.88
CA ASP B 67 13.06 28.86 3.59
C ASP B 67 13.07 27.33 3.67
N PHE B 68 12.43 26.78 4.70
CA PHE B 68 12.42 25.33 4.87
C PHE B 68 11.59 24.62 3.83
N TRP B 69 10.28 24.89 3.80
CA TRP B 69 9.40 24.14 2.91
C TRP B 69 9.73 24.39 1.45
N LEU B 70 10.25 25.57 1.11
CA LEU B 70 10.68 25.81 -0.26
C LEU B 70 11.86 24.91 -0.62
N THR B 71 12.83 24.80 0.29
CA THR B 71 13.96 23.90 0.05
C THR B 71 13.50 22.46 -0.02
N ALA B 72 12.48 22.09 0.76
CA ALA B 72 11.96 20.72 0.71
C ALA B 72 11.27 20.45 -0.62
N PHE B 73 10.41 21.37 -1.06
CA PHE B 73 9.76 21.21 -2.35
C PHE B 73 10.78 21.12 -3.48
N LEU B 74 11.83 21.94 -3.44
CA LEU B 74 12.81 21.90 -4.51
C LEU B 74 13.66 20.63 -4.46
N SER B 75 14.05 20.20 -3.26
CA SER B 75 14.92 19.04 -3.12
C SER B 75 14.19 17.75 -3.45
N HIS B 76 12.87 17.71 -3.23
CA HIS B 76 12.11 16.51 -3.53
C HIS B 76 12.13 16.26 -5.04
N PRO B 77 12.49 15.04 -5.49
CA PRO B 77 12.63 14.83 -6.94
C PRO B 77 11.34 14.99 -7.70
N ALA B 78 10.21 14.60 -7.10
CA ALA B 78 8.92 14.77 -7.77
C ALA B 78 8.52 16.24 -7.84
N LEU B 79 8.50 16.92 -6.71
CA LEU B 79 8.01 18.28 -6.62
C LEU B 79 9.07 19.33 -6.91
N GLY B 80 10.29 18.92 -7.25
CA GLY B 80 11.31 19.89 -7.60
C GLY B 80 11.01 20.62 -8.90
N GLU B 81 10.51 19.89 -9.90
CA GLU B 81 10.24 20.45 -11.22
C GLU B 81 8.86 21.07 -11.35
N LEU B 82 8.02 20.96 -10.32
CA LEU B 82 6.67 21.50 -10.42
C LEU B 82 6.64 23.01 -10.19
N LEU B 83 7.62 23.55 -9.47
CA LEU B 83 7.61 24.96 -9.09
C LEU B 83 8.29 25.80 -10.15
N THR B 84 7.55 26.75 -10.72
CA THR B 84 8.16 27.74 -11.59
C THR B 84 8.81 28.84 -10.75
N GLU B 85 9.56 29.72 -11.43
CA GLU B 85 10.30 30.76 -10.72
C GLU B 85 9.37 31.65 -9.91
N GLU B 86 8.22 32.04 -10.50
CA GLU B 86 7.24 32.82 -9.77
C GLU B 86 6.73 32.07 -8.55
N ASP B 87 6.53 30.75 -8.69
CA ASP B 87 6.07 29.96 -7.56
C ASP B 87 7.13 29.89 -6.46
N GLN B 88 8.42 29.84 -6.84
CA GLN B 88 9.48 29.88 -5.84
C GLN B 88 9.51 31.22 -5.11
N LYS B 89 9.36 32.32 -5.85
CA LYS B 89 9.32 33.63 -5.21
C LYS B 89 8.14 33.74 -4.25
N ILE B 90 6.99 33.17 -4.65
CA ILE B 90 5.82 33.20 -3.77
C ILE B 90 6.06 32.32 -2.54
N PHE B 91 6.74 31.18 -2.72
CA PHE B 91 7.02 30.28 -1.62
C PHE B 91 7.99 30.90 -0.62
N LYS B 92 8.85 31.81 -1.08
CA LYS B 92 9.78 32.47 -0.18
C LYS B 92 9.06 33.17 0.98
N TYR B 93 7.78 33.53 0.78
CA TYR B 93 7.03 34.27 1.79
C TYR B 93 6.30 33.38 2.80
N LEU B 94 5.97 32.14 2.43
CA LEU B 94 5.05 31.34 3.23
C LEU B 94 5.57 31.16 4.66
N SER B 95 4.67 31.24 5.63
CA SER B 95 5.04 31.06 7.03
C SER B 95 5.12 29.59 7.39
N SER B 96 4.05 28.83 7.18
CA SER B 96 4.01 27.43 7.55
C SER B 96 3.11 26.65 6.60
N LEU B 97 3.16 25.32 6.74
CA LEU B 97 2.37 24.40 5.94
C LEU B 97 1.74 23.38 6.87
N ASP B 98 0.48 23.03 6.61
CA ASP B 98 -0.21 22.04 7.43
C ASP B 98 -1.02 21.13 6.53
N VAL B 99 -1.16 19.86 6.95
CA VAL B 99 -1.99 18.89 6.27
C VAL B 99 -2.84 18.19 7.32
N GLU B 100 -4.15 18.16 7.11
CA GLU B 100 -5.07 17.57 8.08
C GLU B 100 -5.94 16.52 7.40
N ASP B 101 -5.90 15.30 7.93
CA ASP B 101 -6.92 14.32 7.61
C ASP B 101 -8.24 14.73 8.25
N ALA B 102 -9.33 14.11 7.80
CA ALA B 102 -10.65 14.46 8.28
C ALA B 102 -10.82 14.01 9.74
N LYS B 103 -12.02 14.24 10.28
CA LYS B 103 -12.34 13.66 11.58
C LYS B 103 -12.28 12.14 11.51
N ASP B 104 -12.83 11.56 10.45
CA ASP B 104 -12.57 10.17 10.09
C ASP B 104 -11.31 10.15 9.24
N VAL B 105 -11.01 9.01 8.61
CA VAL B 105 -9.85 8.94 7.74
C VAL B 105 -10.25 8.78 6.27
N LYS B 106 -11.34 8.09 5.96
CA LYS B 106 -11.76 7.85 4.59
C LYS B 106 -12.57 9.00 4.00
N SER B 107 -12.80 10.07 4.77
CA SER B 107 -13.62 11.18 4.27
C SER B 107 -12.83 12.09 3.33
N GLY B 108 -11.58 12.40 3.68
CA GLY B 108 -10.76 13.28 2.87
C GLY B 108 -9.73 14.00 3.72
N TYR B 109 -9.08 14.98 3.10
CA TYR B 109 -8.04 15.74 3.79
C TYR B 109 -7.90 17.12 3.15
N SER B 110 -7.24 18.02 3.87
CA SER B 110 -6.99 19.37 3.39
C SER B 110 -5.52 19.74 3.58
N ILE B 111 -5.04 20.59 2.68
CA ILE B 111 -3.68 21.14 2.72
C ILE B 111 -3.79 22.65 2.85
N THR B 112 -3.19 23.22 3.89
CA THR B 112 -3.26 24.64 4.17
C THR B 112 -1.87 25.26 4.10
N PHE B 113 -1.72 26.23 3.21
CA PHE B 113 -0.51 27.06 3.13
C PHE B 113 -0.78 28.34 3.91
N SER B 114 -0.11 28.51 5.05
CA SER B 114 -0.19 29.77 5.79
C SER B 114 0.98 30.64 5.32
N PHE B 115 0.66 31.65 4.51
CA PHE B 115 1.67 32.49 3.90
C PHE B 115 1.68 33.86 4.57
N ASN B 116 2.89 34.41 4.73
CA ASN B 116 3.05 35.73 5.32
C ASN B 116 2.49 36.78 4.37
N PRO B 117 2.33 38.03 4.84
CA PRO B 117 1.90 39.10 3.93
C PRO B 117 2.76 39.19 2.69
N ASN B 118 2.13 39.09 1.52
CA ASN B 118 2.84 39.02 0.25
C ASN B 118 2.39 40.15 -0.67
N PRO B 119 3.31 40.70 -1.47
CA PRO B 119 2.88 41.66 -2.49
C PRO B 119 2.00 41.05 -3.56
N PHE B 120 2.20 39.76 -3.86
CA PHE B 120 1.46 39.12 -4.94
C PHE B 120 -0.01 38.94 -4.58
N PHE B 121 -0.29 38.25 -3.47
CA PHE B 121 -1.65 37.95 -3.07
C PHE B 121 -1.88 38.45 -1.65
N GLU B 122 -3.12 38.89 -1.38
CA GLU B 122 -3.47 39.37 -0.04
C GLU B 122 -3.80 38.23 0.91
N ASP B 123 -4.35 37.12 0.40
CA ASP B 123 -4.83 36.05 1.25
C ASP B 123 -3.70 35.45 2.08
N GLY B 124 -3.91 35.36 3.39
CA GLY B 124 -2.92 34.84 4.30
C GLY B 124 -2.79 33.34 4.28
N LYS B 125 -3.91 32.63 4.24
CA LYS B 125 -3.92 31.17 4.25
C LYS B 125 -4.77 30.65 3.10
N LEU B 126 -4.30 29.58 2.46
CA LEU B 126 -4.99 28.96 1.35
C LEU B 126 -5.21 27.48 1.68
N THR B 127 -6.46 27.05 1.66
CA THR B 127 -6.83 25.68 1.98
C THR B 127 -7.36 25.00 0.73
N LYS B 128 -6.73 23.88 0.35
CA LYS B 128 -7.22 23.03 -0.73
C LYS B 128 -7.70 21.72 -0.10
N THR B 129 -8.99 21.44 -0.25
CA THR B 129 -9.64 20.33 0.44
C THR B 129 -10.13 19.32 -0.58
N PHE B 130 -9.70 18.07 -0.40
CA PHE B 130 -10.23 16.95 -1.15
C PHE B 130 -11.16 16.16 -0.24
N THR B 131 -12.37 15.89 -0.71
CA THR B 131 -13.36 15.14 0.04
C THR B 131 -13.78 13.92 -0.78
N PHE B 132 -14.00 12.80 -0.10
CA PHE B 132 -14.27 11.53 -0.75
C PHE B 132 -15.76 11.23 -0.62
N LEU B 133 -16.45 11.23 -1.77
CA LEU B 133 -17.89 11.06 -1.80
C LEU B 133 -18.32 9.61 -1.61
N GLU B 134 -17.53 8.66 -2.10
CA GLU B 134 -17.89 7.24 -2.11
C GLU B 134 -19.21 7.02 -2.83
N LYS B 139 -14.27 15.48 -4.48
CA LYS B 139 -14.64 16.90 -4.45
C LYS B 139 -13.47 17.76 -3.99
N ILE B 140 -12.89 18.52 -4.91
CA ILE B 140 -11.75 19.38 -4.63
C ILE B 140 -12.23 20.82 -4.61
N THR B 141 -11.99 21.51 -3.49
CA THR B 141 -12.41 22.90 -3.32
C THR B 141 -11.27 23.69 -2.69
N ALA B 142 -11.00 24.87 -3.25
CA ALA B 142 -9.89 25.70 -2.80
C ALA B 142 -10.38 27.11 -2.50
N THR B 143 -9.77 27.73 -1.50
CA THR B 143 -10.05 29.14 -1.21
C THR B 143 -9.53 30.00 -2.35
N PRO B 144 -10.36 30.85 -2.95
CA PRO B 144 -9.92 31.60 -4.13
C PRO B 144 -8.89 32.65 -3.75
N ILE B 145 -7.82 32.74 -4.55
CA ILE B 145 -6.80 33.76 -4.35
C ILE B 145 -7.35 35.12 -4.70
N LYS B 146 -6.86 36.14 -4.01
CA LYS B 146 -7.17 37.54 -4.31
C LYS B 146 -5.90 38.19 -4.84
N TRP B 147 -5.74 38.16 -6.16
CA TRP B 147 -4.52 38.64 -6.79
C TRP B 147 -4.34 40.14 -6.57
N LYS B 148 -3.16 40.64 -6.93
CA LYS B 148 -2.84 42.05 -6.79
C LYS B 148 -1.86 42.50 -7.87
N SER B 172 3.30 27.88 -12.10
CA SER B 172 2.34 26.92 -12.65
C SER B 172 1.75 26.04 -11.56
N PHE B 173 2.52 25.80 -10.49
CA PHE B 173 2.00 25.02 -9.38
C PHE B 173 0.89 25.77 -8.65
N PHE B 174 1.04 27.08 -8.51
CA PHE B 174 0.07 27.92 -7.83
C PHE B 174 -1.26 28.01 -8.55
N THR B 175 -1.38 27.39 -9.72
CA THR B 175 -2.66 27.28 -10.43
C THR B 175 -3.67 26.39 -9.70
N TRP B 176 -3.31 25.85 -8.54
CA TRP B 176 -4.23 24.98 -7.81
C TRP B 176 -5.47 25.72 -7.33
N PHE B 177 -5.32 26.98 -6.92
CA PHE B 177 -6.45 27.75 -6.45
C PHE B 177 -6.68 28.98 -7.34
N GLN B 191 -8.88 17.39 -11.51
CA GLN B 191 -8.52 16.11 -12.10
C GLN B 191 -7.16 15.62 -11.60
N ASP B 192 -6.24 16.55 -11.37
CA ASP B 192 -4.88 16.23 -10.93
C ASP B 192 -4.80 16.45 -9.41
N GLU B 193 -5.11 15.40 -8.67
CA GLU B 193 -5.03 15.45 -7.21
C GLU B 193 -3.70 14.88 -6.73
N GLN B 194 -3.00 14.17 -7.62
CA GLN B 194 -1.72 13.58 -7.30
C GLN B 194 -0.83 14.59 -6.56
N VAL B 195 -0.70 15.78 -7.12
CA VAL B 195 0.09 16.84 -6.50
C VAL B 195 -0.25 16.95 -5.03
N ALA B 196 -1.41 16.43 -4.65
CA ALA B 196 -1.85 16.44 -3.26
C ALA B 196 -1.49 15.13 -2.57
N ASP B 197 -1.57 14.01 -3.31
CA ASP B 197 -1.22 12.72 -2.73
C ASP B 197 0.28 12.61 -2.45
N ILE B 198 1.13 13.10 -3.35
CA ILE B 198 2.56 12.99 -3.10
C ILE B 198 2.98 13.95 -1.98
N ILE B 199 2.29 15.08 -1.84
CA ILE B 199 2.55 15.96 -0.70
C ILE B 199 2.12 15.29 0.61
N LYS B 200 0.94 14.64 0.60
CA LYS B 200 0.41 14.06 1.84
C LYS B 200 1.20 12.83 2.28
N GLU B 201 1.48 11.92 1.35
CA GLU B 201 2.01 10.60 1.72
C GLU B 201 3.52 10.63 1.95
N ASP B 202 4.27 11.34 1.10
CA ASP B 202 5.73 11.30 1.13
C ASP B 202 6.32 12.51 1.84
N LEU B 203 6.02 13.72 1.36
CA LEU B 203 6.69 14.91 1.87
C LEU B 203 6.27 15.25 3.30
N TRP B 204 4.96 15.20 3.54
CA TRP B 204 4.39 15.55 4.82
C TRP B 204 5.00 14.81 5.98
N PRO B 205 4.88 13.49 6.00
CA PRO B 205 5.32 12.71 7.17
C PRO B 205 6.79 12.91 7.47
N ASN B 206 7.64 12.97 6.44
CA ASN B 206 9.08 13.18 6.62
C ASN B 206 9.61 13.97 5.44
N PRO B 207 9.65 15.30 5.55
CA PRO B 207 10.27 16.11 4.49
C PRO B 207 11.78 15.91 4.40
N LEU B 208 12.43 15.49 5.48
CA LEU B 208 13.86 15.23 5.49
C LEU B 208 14.23 13.98 4.69
N THR B 209 13.25 13.30 4.09
CA THR B 209 13.53 12.10 3.29
C THR B 209 14.44 12.43 2.12
N TYR B 210 14.29 13.62 1.52
CA TYR B 210 15.10 14.04 0.39
C TYR B 210 15.75 15.40 0.66
N PHE B 211 15.97 15.74 1.94
CA PHE B 211 16.50 17.03 2.35
C PHE B 211 18.03 16.95 2.45
N ASN B 212 18.63 17.88 3.19
CA ASN B 212 20.07 18.08 3.33
C ASN B 212 20.68 18.55 2.03
N ASN B 213 20.27 19.73 1.58
CA ASN B 213 20.80 20.35 0.36
C ASN B 213 21.05 21.84 0.56
#